data_3M2K
#
_entry.id   3M2K
#
_cell.length_a   43.538
_cell.length_b   91.524
_cell.length_c   66.302
_cell.angle_alpha   90.00
_cell.angle_beta   104.22
_cell.angle_gamma   90.00
#
_symmetry.space_group_name_H-M   'P 1 21 1'
#
loop_
_entity.id
_entity.type
_entity.pdbx_description
1 polymer Beta-lactamase
2 non-polymer "CEFOTAXIME, C3' cleaved, open, bound form"
3 water water
#
_entity_poly.entity_id   1
_entity_poly.type   'polypeptide(L)'
_entity_poly.pdbx_seq_one_letter_code
;KDDFAKLEEQFDAKLGIFALDTGTNRTVAYRPDERFAFASTIKALTVGVLLQQKSIEDLNQRITYTRDDLVNYNPITEKH
VDTGMTLKELADASLRYSDNAAQNLILKQIGGPESLKKELRKIGDEVTNPERFCPELNEVNPGETQDTSTARALVTSLRA
FALEDKLPSEKRELLIDWMKRNTTGDALIRAGVPDGWEVADKTGAASYGTRNDIAIIWPPKGDPVVLAVLSSRDKKDAKY
DDKLIAEATKVVMKALN
;
_entity_poly.pdbx_strand_id   A,B
#
# COMPACT_ATOMS: atom_id res chain seq x y z
N ASP A 2 16.04 -20.64 -18.76
CA ASP A 2 14.92 -21.35 -19.68
C ASP A 2 13.62 -20.55 -20.24
N ASP A 3 12.56 -20.59 -19.40
CA ASP A 3 11.73 -19.39 -19.39
C ASP A 3 12.43 -18.04 -19.16
N PHE A 4 13.48 -17.93 -18.33
CA PHE A 4 14.06 -16.54 -18.21
C PHE A 4 14.52 -15.82 -19.47
N ALA A 5 14.94 -16.63 -20.46
CA ALA A 5 15.53 -16.03 -21.65
C ALA A 5 14.42 -15.54 -22.61
N LYS A 6 13.36 -16.33 -22.66
CA LYS A 6 12.02 -16.01 -23.14
C LYS A 6 11.54 -14.66 -22.77
N LEU A 7 11.70 -14.26 -21.53
CA LEU A 7 11.38 -12.86 -21.16
C LEU A 7 12.46 -11.79 -21.43
N GLU A 8 13.73 -12.18 -21.56
CA GLU A 8 14.64 -11.13 -21.87
C GLU A 8 14.54 -10.77 -23.35
N GLU A 9 14.27 -11.70 -24.23
CA GLU A 9 13.75 -11.32 -25.52
C GLU A 9 12.34 -10.82 -25.55
N GLN A 10 11.52 -11.16 -24.61
CA GLN A 10 10.24 -10.55 -24.69
C GLN A 10 10.33 -9.10 -24.22
N PHE A 11 11.25 -8.74 -23.35
CA PHE A 11 11.11 -7.34 -22.96
C PHE A 11 12.35 -6.66 -23.33
N ASP A 12 13.04 -7.25 -24.26
CA ASP A 12 14.24 -6.66 -24.76
C ASP A 12 15.21 -6.21 -23.61
N ALA A 13 15.58 -7.18 -22.73
CA ALA A 13 16.44 -6.84 -21.56
C ALA A 13 17.15 -7.97 -20.96
N LYS A 14 17.92 -7.58 -19.99
CA LYS A 14 18.74 -8.49 -19.38
C LYS A 14 18.16 -8.55 -18.00
N LEU A 15 18.18 -9.78 -17.53
CA LEU A 15 17.67 -10.08 -16.25
C LEU A 15 18.82 -10.60 -15.41
N GLY A 16 19.10 -9.94 -14.24
CA GLY A 16 19.72 -10.56 -13.00
C GLY A 16 18.78 -11.23 -11.96
N ILE A 17 18.91 -12.58 -11.69
CA ILE A 17 18.08 -13.34 -10.75
C ILE A 17 18.66 -14.49 -9.87
N PHE A 18 18.43 -14.37 -8.56
CA PHE A 18 18.76 -15.22 -7.44
C PHE A 18 17.56 -15.16 -6.45
N ALA A 19 17.15 -16.33 -6.08
CA ALA A 19 16.10 -16.49 -5.13
C ALA A 19 16.67 -17.50 -4.29
N LEU A 20 16.38 -17.44 -3.01
CA LEU A 20 16.80 -18.53 -2.25
C LEU A 20 15.68 -18.88 -1.38
N ASP A 21 15.31 -20.14 -1.24
CA ASP A 21 14.34 -20.57 -0.26
C ASP A 21 15.00 -21.01 1.01
N THR A 22 14.70 -20.26 2.06
CA THR A 22 15.36 -20.43 3.35
C THR A 22 15.03 -21.80 3.90
N GLY A 23 13.75 -22.02 4.24
CA GLY A 23 13.44 -23.27 5.04
C GLY A 23 14.27 -24.48 4.48
N THR A 24 14.59 -24.47 3.17
CA THR A 24 15.11 -25.70 2.47
C THR A 24 16.43 -25.42 1.63
N ASN A 25 16.89 -24.17 1.48
CA ASN A 25 18.06 -23.81 0.62
C ASN A 25 18.09 -24.00 -0.90
N ARG A 26 16.99 -24.39 -1.46
CA ARG A 26 16.97 -24.43 -2.84
C ARG A 26 17.02 -23.04 -3.31
N THR A 27 17.22 -22.93 -4.57
CA THR A 27 17.81 -21.79 -5.17
C THR A 27 17.24 -21.74 -6.56
N VAL A 28 16.93 -20.50 -6.95
CA VAL A 28 16.82 -20.22 -8.34
C VAL A 28 17.64 -19.12 -8.91
N ALA A 29 18.50 -19.61 -10.04
CA ALA A 29 19.54 -18.60 -10.21
C ALA A 29 19.54 -18.28 -11.65
N TYR A 30 19.72 -17.04 -12.02
CA TYR A 30 19.80 -16.75 -13.44
C TYR A 30 20.55 -15.40 -13.68
N ARG A 31 21.72 -15.57 -14.28
CA ARG A 31 22.83 -14.69 -14.12
C ARG A 31 23.06 -14.14 -12.72
N PRO A 32 23.30 -15.05 -11.75
CA PRO A 32 23.26 -14.40 -10.51
C PRO A 32 24.46 -13.58 -10.24
N ASP A 33 25.58 -13.75 -10.92
CA ASP A 33 26.68 -12.95 -10.49
C ASP A 33 27.02 -11.86 -11.48
N GLU A 34 26.08 -11.31 -12.21
CA GLU A 34 26.35 -10.37 -13.25
C GLU A 34 25.92 -9.09 -12.59
N ARG A 35 26.69 -8.07 -12.91
CA ARG A 35 26.52 -6.66 -12.38
C ARG A 35 25.50 -5.81 -13.07
N PHE A 36 24.86 -4.91 -12.31
CA PHE A 36 23.63 -4.15 -12.66
C PHE A 36 23.69 -3.08 -11.68
N ALA A 37 23.34 -1.82 -11.98
CA ALA A 37 23.56 -0.77 -10.92
C ALA A 37 22.48 -0.96 -9.78
N PHE A 38 22.81 -0.95 -8.47
CA PHE A 38 21.69 -1.28 -7.46
C PHE A 38 20.60 -0.15 -7.54
N ALA A 39 20.96 0.93 -8.17
CA ALA A 39 20.08 2.01 -8.03
C ALA A 39 19.35 2.19 -6.60
N SER A 40 18.05 2.37 -6.50
CA SER A 40 17.56 2.71 -5.12
C SER A 40 17.29 1.44 -4.24
N THR A 41 17.53 0.20 -4.65
CA THR A 41 17.42 -0.89 -3.70
C THR A 41 18.46 -0.79 -2.53
N ILE A 42 19.42 0.13 -2.62
CA ILE A 42 20.50 0.29 -1.59
C ILE A 42 19.94 1.02 -0.44
N LYS A 43 18.70 1.49 -0.57
CA LYS A 43 18.16 2.27 0.47
C LYS A 43 17.73 1.24 1.55
N ALA A 44 17.37 0.03 1.12
CA ALA A 44 17.16 -0.99 2.12
C ALA A 44 18.45 -1.28 2.98
N LEU A 45 19.63 -1.24 2.38
CA LEU A 45 20.78 -1.73 3.06
C LEU A 45 21.31 -0.59 3.80
N THR A 46 21.04 0.63 3.37
CA THR A 46 21.54 1.84 4.03
C THR A 46 20.90 1.90 5.35
N VAL A 47 19.65 1.47 5.41
CA VAL A 47 18.93 1.50 6.70
C VAL A 47 19.25 0.29 7.61
N GLY A 48 19.79 -0.76 7.06
CA GLY A 48 20.07 -1.83 7.93
C GLY A 48 21.26 -1.43 8.74
N VAL A 49 22.26 -0.89 8.05
CA VAL A 49 23.40 -0.22 8.76
C VAL A 49 22.94 0.80 9.81
N LEU A 50 21.91 1.61 9.44
CA LEU A 50 21.62 2.76 10.20
C LEU A 50 21.10 2.26 11.50
N LEU A 51 20.31 1.20 11.52
CA LEU A 51 19.76 0.75 12.76
C LEU A 51 20.81 0.06 13.60
N GLN A 52 21.78 -0.51 12.93
CA GLN A 52 22.89 -1.03 13.66
C GLN A 52 23.27 0.09 14.52
N GLN A 53 23.33 1.27 13.93
CA GLN A 53 24.09 2.30 14.53
C GLN A 53 23.37 3.20 15.46
N LYS A 54 21.94 3.19 15.62
CA LYS A 54 21.23 4.05 16.52
C LYS A 54 20.38 3.12 17.40
N SER A 55 20.23 3.55 18.71
CA SER A 55 19.06 3.16 19.55
C SER A 55 17.71 3.63 18.88
N ILE A 56 16.65 3.08 19.37
CA ILE A 56 15.47 3.44 18.75
C ILE A 56 15.08 4.71 19.31
N GLU A 57 15.67 5.16 20.40
CA GLU A 57 15.50 6.49 20.71
C GLU A 57 16.19 7.52 19.81
N ASP A 58 17.38 7.14 19.34
CA ASP A 58 18.21 8.00 18.50
C ASP A 58 17.54 8.39 17.25
N LEU A 59 16.62 7.53 16.87
CA LEU A 59 15.82 7.59 15.68
C LEU A 59 14.67 8.61 15.71
N ASN A 60 14.18 8.82 16.93
CA ASN A 60 13.48 10.09 17.22
C ASN A 60 14.15 11.49 17.04
N GLN A 61 15.48 11.49 16.86
CA GLN A 61 16.22 12.76 16.89
C GLN A 61 15.76 13.45 15.68
N ARG A 62 14.97 14.52 15.88
CA ARG A 62 14.46 15.36 14.73
C ARG A 62 15.66 15.92 13.90
N ILE A 63 15.47 16.05 12.56
CA ILE A 63 16.54 16.45 11.65
C ILE A 63 16.16 17.68 10.84
N THR A 64 16.98 18.71 10.93
CA THR A 64 16.68 19.94 10.30
C THR A 64 17.49 20.08 9.05
N TYR A 65 16.80 20.48 8.03
CA TYR A 65 17.38 20.60 6.70
C TYR A 65 16.58 21.71 5.98
N THR A 66 17.09 22.02 4.80
CA THR A 66 16.71 23.19 4.13
C THR A 66 16.37 22.81 2.69
N ARG A 67 15.80 23.74 1.89
CA ARG A 67 15.51 23.46 0.47
C ARG A 67 16.73 23.13 -0.44
N ASP A 68 17.98 23.24 0.08
CA ASP A 68 19.21 22.88 -0.71
C ASP A 68 19.56 21.42 -0.75
N ASP A 69 19.08 20.74 0.25
CA ASP A 69 19.16 19.34 0.36
C ASP A 69 18.17 18.68 -0.56
N LEU A 70 17.21 19.39 -1.13
CA LEU A 70 16.41 18.70 -2.06
C LEU A 70 17.16 18.28 -3.38
N VAL A 71 16.96 17.06 -3.88
CA VAL A 71 17.54 16.70 -5.19
C VAL A 71 16.31 16.49 -6.13
N ASN A 72 16.26 15.40 -6.90
CA ASN A 72 15.28 15.31 -8.02
C ASN A 72 14.02 14.54 -7.61
N TYR A 73 14.06 13.63 -6.62
CA TYR A 73 12.73 13.08 -6.15
C TYR A 73 12.45 13.19 -4.55
N ASN A 74 11.47 13.96 -4.06
CA ASN A 74 11.46 14.37 -2.70
C ASN A 74 10.02 14.19 -2.20
N PRO A 75 9.45 13.07 -2.49
CA PRO A 75 8.10 13.26 -2.61
C PRO A 75 7.51 13.57 -1.23
N ILE A 76 7.97 12.90 -0.16
CA ILE A 76 7.61 13.28 1.24
C ILE A 76 8.37 14.51 1.81
N THR A 77 9.58 14.65 1.37
CA THR A 77 10.53 15.48 2.08
C THR A 77 10.39 16.98 1.77
N GLU A 78 9.84 17.25 0.60
CA GLU A 78 9.53 18.63 0.24
C GLU A 78 8.27 19.06 1.01
N LYS A 79 7.65 18.18 1.71
CA LYS A 79 6.53 18.67 2.43
C LYS A 79 6.92 19.32 3.70
N HIS A 80 8.18 19.46 4.02
CA HIS A 80 8.54 19.69 5.40
C HIS A 80 9.68 20.62 5.68
N VAL A 81 10.51 20.90 4.72
CA VAL A 81 11.78 21.55 5.08
C VAL A 81 11.49 22.68 6.16
N ASP A 82 10.24 23.21 6.13
CA ASP A 82 9.75 24.06 7.25
C ASP A 82 9.79 23.49 8.63
N THR A 83 8.85 22.65 9.02
CA THR A 83 9.03 21.87 10.23
C THR A 83 10.38 21.28 10.42
N GLY A 84 10.80 20.45 9.47
CA GLY A 84 11.80 19.36 9.80
C GLY A 84 11.08 17.97 9.82
N MET A 85 11.88 16.84 9.82
CA MET A 85 11.43 15.35 9.86
C MET A 85 12.42 14.53 10.67
N THR A 86 11.95 13.54 11.43
CA THR A 86 12.83 12.84 12.37
C THR A 86 13.24 11.45 11.88
N LEU A 87 14.45 11.02 12.24
CA LEU A 87 15.10 9.96 11.53
C LEU A 87 14.19 8.79 11.31
N LYS A 88 13.42 8.41 12.27
CA LYS A 88 12.45 7.38 11.89
C LYS A 88 11.64 7.83 10.69
N GLU A 89 11.08 9.05 10.76
CA GLU A 89 10.41 9.66 9.57
C GLU A 89 11.13 9.64 8.26
N LEU A 90 12.44 9.86 8.28
CA LEU A 90 13.29 9.70 7.17
C LEU A 90 13.50 8.30 6.77
N ALA A 91 13.75 7.31 7.66
CA ALA A 91 13.69 5.83 7.29
C ALA A 91 12.42 5.41 6.52
N ASP A 92 11.29 5.93 7.02
CA ASP A 92 10.02 5.60 6.49
C ASP A 92 9.86 6.11 5.01
N ALA A 93 10.10 7.43 4.85
CA ALA A 93 9.98 8.10 3.55
C ALA A 93 10.88 7.50 2.55
N SER A 94 12.03 7.03 3.02
CA SER A 94 13.08 6.59 2.12
C SER A 94 12.80 5.32 1.70
N LEU A 95 12.08 4.54 2.47
CA LEU A 95 11.91 3.16 2.05
C LEU A 95 10.58 2.84 1.45
N ARG A 96 9.58 3.52 1.96
CA ARG A 96 8.22 3.24 1.59
C ARG A 96 7.77 4.01 0.33
N TYR A 97 8.43 5.16 0.19
CA TYR A 97 8.29 6.18 -0.84
C TYR A 97 9.47 6.32 -1.76
N SER A 98 10.67 5.95 -1.35
CA SER A 98 11.96 6.10 -2.11
C SER A 98 12.31 7.55 -2.28
N ASP A 99 12.24 8.26 -1.23
CA ASP A 99 12.53 9.59 -1.28
C ASP A 99 14.04 9.63 -1.34
N ASN A 100 14.62 10.44 -2.24
CA ASN A 100 16.13 10.52 -2.55
C ASN A 100 16.81 11.49 -1.67
N ALA A 101 16.12 12.55 -1.41
CA ALA A 101 16.58 13.40 -0.38
C ALA A 101 16.74 12.69 1.00
N ALA A 102 15.68 11.96 1.42
CA ALA A 102 15.72 11.23 2.66
C ALA A 102 16.91 10.29 2.73
N GLN A 103 17.18 9.52 1.62
CA GLN A 103 18.42 8.70 1.51
C GLN A 103 19.66 9.55 1.76
N ASN A 104 19.87 10.54 0.90
CA ASN A 104 20.93 11.51 1.16
C ASN A 104 21.19 11.90 2.57
N LEU A 105 20.13 12.09 3.34
CA LEU A 105 20.33 12.48 4.73
C LEU A 105 20.69 11.27 5.54
N ILE A 106 20.01 10.13 5.33
CA ILE A 106 20.36 9.00 6.13
C ILE A 106 21.86 8.75 5.86
N LEU A 107 22.29 8.83 4.61
CA LEU A 107 23.68 8.67 4.36
C LEU A 107 24.57 9.52 5.23
N LYS A 108 24.34 10.82 5.24
CA LYS A 108 25.26 11.80 5.77
C LYS A 108 25.35 11.66 7.26
N GLN A 109 24.34 11.07 7.85
CA GLN A 109 24.38 10.36 9.18
C GLN A 109 25.23 9.15 9.41
N ILE A 110 25.40 8.29 8.48
CA ILE A 110 26.18 7.14 8.92
C ILE A 110 27.58 7.31 8.44
N GLY A 111 27.87 8.56 7.90
CA GLY A 111 29.16 9.03 7.29
C GLY A 111 29.44 8.62 5.85
N GLY A 112 28.35 8.52 5.01
CA GLY A 112 28.31 8.46 3.49
C GLY A 112 28.86 7.19 2.82
N PRO A 113 29.00 7.21 1.50
CA PRO A 113 29.41 6.03 0.69
C PRO A 113 30.62 5.20 1.12
N GLU A 114 31.80 5.78 1.38
CA GLU A 114 32.84 4.87 2.04
C GLU A 114 32.46 4.27 3.48
N SER A 115 31.71 5.06 4.28
CA SER A 115 31.43 4.56 5.57
C SER A 115 30.48 3.35 5.40
N LEU A 116 29.62 3.44 4.38
CA LEU A 116 28.60 2.39 4.21
C LEU A 116 29.27 1.16 3.65
N LYS A 117 30.03 1.34 2.56
CA LYS A 117 31.01 0.30 2.06
C LYS A 117 31.59 -0.56 3.14
N LYS A 118 32.03 0.05 4.22
CA LYS A 118 33.09 -0.44 5.08
C LYS A 118 32.40 -1.27 6.03
N GLU A 119 31.13 -0.97 6.05
CA GLU A 119 30.10 -1.47 6.86
C GLU A 119 29.41 -2.66 6.18
N LEU A 120 29.26 -2.58 4.88
CA LEU A 120 28.85 -3.75 4.16
C LEU A 120 29.98 -4.75 4.08
N ARG A 121 31.17 -4.36 3.65
CA ARG A 121 32.28 -5.31 3.76
C ARG A 121 32.19 -6.15 5.11
N LYS A 122 32.09 -5.41 6.25
CA LYS A 122 31.88 -6.00 7.59
C LYS A 122 30.80 -7.01 7.90
N ILE A 123 29.90 -7.39 6.95
CA ILE A 123 28.86 -8.55 7.17
C ILE A 123 28.98 -9.68 6.15
N GLY A 124 30.12 -9.62 5.42
CA GLY A 124 30.62 -10.51 4.32
C GLY A 124 30.46 -9.93 2.89
N ASP A 125 30.04 -8.64 2.71
CA ASP A 125 29.73 -8.23 1.32
C ASP A 125 30.85 -7.57 0.71
N GLU A 126 31.59 -8.38 -0.10
CA GLU A 126 32.65 -7.84 -1.05
C GLU A 126 32.28 -7.52 -2.51
N VAL A 127 31.00 -7.67 -2.93
CA VAL A 127 30.53 -7.29 -4.24
C VAL A 127 29.91 -5.96 -4.09
N THR A 128 28.95 -5.74 -3.23
CA THR A 128 28.23 -4.43 -3.31
C THR A 128 29.12 -3.17 -3.29
N ASN A 129 28.86 -2.23 -4.11
CA ASN A 129 29.89 -1.20 -4.28
C ASN A 129 29.54 0.31 -4.30
N PRO A 130 29.10 0.80 -3.17
CA PRO A 130 28.64 2.18 -3.17
C PRO A 130 29.79 3.21 -3.25
N GLU A 131 29.87 3.99 -4.32
CA GLU A 131 30.70 5.26 -4.34
C GLU A 131 29.67 6.36 -4.38
N GLY A 143 31.65 -1.86 -18.64
CA GLY A 143 32.76 -2.27 -17.77
C GLY A 143 33.10 -1.32 -16.58
N GLU A 144 32.08 -0.51 -16.18
CA GLU A 144 32.08 0.28 -14.89
C GLU A 144 31.51 -0.46 -13.63
N THR A 145 32.33 -0.62 -12.53
CA THR A 145 31.69 -1.28 -11.31
C THR A 145 31.22 -0.39 -10.15
N GLN A 146 31.31 0.92 -10.28
CA GLN A 146 30.96 1.83 -9.23
C GLN A 146 29.51 1.96 -9.25
N ASP A 147 28.94 1.47 -8.20
CA ASP A 147 27.59 1.62 -7.71
C ASP A 147 26.69 0.52 -8.18
N THR A 148 27.11 -0.76 -8.24
CA THR A 148 26.46 -1.86 -9.03
C THR A 148 26.51 -2.98 -8.18
N SER A 149 25.86 -4.09 -8.33
CA SER A 149 26.17 -5.22 -7.38
C SER A 149 25.60 -6.36 -8.03
N THR A 150 25.13 -7.37 -7.34
CA THR A 150 24.61 -8.57 -8.07
C THR A 150 23.36 -9.15 -7.38
N ALA A 151 22.48 -9.80 -8.12
CA ALA A 151 21.29 -10.44 -7.54
C ALA A 151 21.89 -11.16 -6.48
N ARG A 152 22.83 -12.03 -6.64
CA ARG A 152 23.35 -12.71 -5.46
C ARG A 152 23.56 -11.90 -4.21
N ALA A 153 24.36 -10.86 -4.28
CA ALA A 153 24.91 -10.26 -3.10
C ALA A 153 23.83 -9.52 -2.52
N LEU A 154 22.93 -9.00 -3.31
CA LEU A 154 21.86 -8.38 -2.65
C LEU A 154 20.96 -9.33 -1.88
N VAL A 155 20.68 -10.52 -2.39
CA VAL A 155 19.80 -11.23 -1.49
C VAL A 155 20.48 -11.60 -0.19
N THR A 156 21.73 -11.94 -0.31
CA THR A 156 22.53 -12.44 0.85
C THR A 156 22.75 -11.25 1.79
N SER A 157 22.89 -10.01 1.35
CA SER A 157 22.97 -9.00 2.40
C SER A 157 21.63 -8.57 2.96
N LEU A 158 20.60 -8.48 2.16
CA LEU A 158 19.27 -8.34 2.74
C LEU A 158 18.94 -9.45 3.73
N ARG A 159 19.23 -10.72 3.49
CA ARG A 159 18.81 -11.74 4.43
C ARG A 159 19.60 -11.46 5.75
N ALA A 160 20.89 -11.18 5.64
CA ALA A 160 21.66 -10.95 6.86
C ALA A 160 20.84 -10.04 7.68
N PHE A 161 20.27 -8.95 7.10
CA PHE A 161 19.68 -7.78 7.91
C PHE A 161 18.34 -8.11 8.44
N ALA A 162 17.42 -8.48 7.56
CA ALA A 162 16.04 -8.69 7.94
C ALA A 162 15.66 -10.06 8.45
N LEU A 163 16.41 -11.12 8.11
CA LEU A 163 16.16 -12.47 8.63
C LEU A 163 17.23 -13.01 9.55
N GLU A 164 18.51 -12.69 9.38
CA GLU A 164 19.50 -13.36 10.26
C GLU A 164 19.77 -12.61 11.55
N ASP A 165 21.02 -12.35 11.88
CA ASP A 165 21.30 -11.82 13.13
C ASP A 165 22.20 -10.56 12.96
N LYS A 166 22.12 -9.77 11.89
CA LYS A 166 23.05 -8.58 11.83
C LYS A 166 22.48 -7.34 12.58
N LEU A 167 21.18 -7.42 12.92
CA LEU A 167 20.23 -6.49 13.64
C LEU A 167 19.65 -7.15 14.98
N PRO A 168 19.36 -6.37 16.02
CA PRO A 168 18.63 -6.92 17.13
C PRO A 168 17.17 -6.98 16.84
N SER A 169 16.56 -7.96 17.52
CA SER A 169 15.23 -8.35 17.17
C SER A 169 14.19 -7.13 16.84
N GLU A 170 14.30 -6.09 17.65
CA GLU A 170 13.36 -5.07 17.64
C GLU A 170 13.61 -4.02 16.58
N LYS A 171 14.82 -3.85 16.20
CA LYS A 171 15.11 -3.11 14.98
C LYS A 171 14.74 -3.86 13.71
N ARG A 172 14.78 -5.18 13.83
CA ARG A 172 14.72 -6.00 12.67
C ARG A 172 13.27 -5.87 12.27
N GLU A 173 12.40 -5.95 13.31
CA GLU A 173 10.93 -5.55 13.19
C GLU A 173 10.56 -4.27 12.28
N LEU A 174 11.28 -3.18 12.54
CA LEU A 174 10.94 -1.89 11.96
C LEU A 174 11.29 -1.84 10.48
N LEU A 175 12.45 -2.38 10.13
CA LEU A 175 12.77 -2.69 8.76
C LEU A 175 11.65 -3.41 8.24
N ILE A 176 11.54 -4.69 8.52
CA ILE A 176 10.43 -5.23 7.83
C ILE A 176 9.37 -4.17 7.84
N ASP A 177 8.60 -4.07 8.88
CA ASP A 177 7.53 -3.12 8.68
C ASP A 177 7.72 -2.08 7.60
N TRP A 178 8.78 -1.29 7.66
CA TRP A 178 8.91 -0.36 6.61
C TRP A 178 8.79 -1.03 5.27
N MET A 179 9.28 -2.25 5.08
CA MET A 179 9.28 -2.91 3.76
C MET A 179 8.02 -3.58 3.38
N LYS A 180 7.26 -4.12 4.34
CA LYS A 180 5.87 -4.46 4.04
C LYS A 180 5.16 -3.23 3.59
N ARG A 181 5.22 -2.18 4.34
CA ARG A 181 4.28 -1.16 3.79
C ARG A 181 4.85 -0.29 2.67
N ASN A 182 5.74 -0.84 1.86
CA ASN A 182 6.31 -0.15 0.67
C ASN A 182 5.19 0.26 -0.13
N THR A 183 5.26 1.46 -0.77
CA THR A 183 4.24 1.83 -1.80
C THR A 183 4.63 1.75 -3.29
N THR A 184 5.95 1.60 -3.51
CA THR A 184 6.60 1.73 -4.76
C THR A 184 6.57 0.44 -5.57
N GLY A 185 6.16 -0.78 -5.09
CA GLY A 185 6.19 -1.96 -6.01
C GLY A 185 5.06 -2.89 -6.33
N ASP A 186 3.90 -2.46 -6.50
CA ASP A 186 2.93 -3.42 -6.70
C ASP A 186 2.81 -3.76 -8.14
N ALA A 187 3.65 -3.24 -9.03
CA ALA A 187 3.54 -3.66 -10.43
C ALA A 187 4.63 -4.74 -10.66
N LEU A 188 5.55 -4.90 -9.67
CA LEU A 188 6.77 -5.72 -9.72
C LEU A 188 6.58 -6.97 -8.93
N ILE A 189 7.39 -7.25 -7.95
CA ILE A 189 7.33 -8.66 -7.33
C ILE A 189 5.90 -9.00 -6.72
N ARG A 190 5.29 -7.93 -6.20
CA ARG A 190 4.11 -8.08 -5.45
C ARG A 190 3.02 -8.54 -6.32
N ALA A 191 3.07 -8.16 -7.58
CA ALA A 191 2.40 -8.72 -8.76
C ALA A 191 2.72 -10.19 -9.25
N GLY A 192 3.72 -10.93 -8.75
CA GLY A 192 4.07 -12.25 -9.33
C GLY A 192 3.76 -13.32 -8.36
N VAL A 193 3.24 -12.81 -7.30
CA VAL A 193 3.03 -13.54 -6.04
C VAL A 193 1.52 -13.55 -5.71
N PRO A 194 0.98 -14.70 -5.32
CA PRO A 194 -0.55 -14.73 -5.29
C PRO A 194 -1.12 -13.85 -4.12
N ASP A 195 -2.41 -13.41 -4.15
CA ASP A 195 -3.14 -12.95 -2.89
C ASP A 195 -2.80 -13.90 -1.61
N GLY A 196 -2.17 -13.39 -0.51
CA GLY A 196 -2.12 -14.14 0.80
C GLY A 196 -0.70 -14.35 1.34
N TRP A 197 0.19 -13.87 0.45
CA TRP A 197 1.65 -13.99 0.42
C TRP A 197 2.21 -12.60 0.66
N GLU A 198 2.65 -12.41 1.90
CA GLU A 198 3.54 -11.29 2.22
C GLU A 198 4.65 -11.16 1.19
N VAL A 199 4.87 -9.93 0.71
CA VAL A 199 6.21 -9.46 0.38
C VAL A 199 6.54 -8.18 1.16
N ALA A 200 7.73 -8.15 1.75
CA ALA A 200 8.43 -6.91 1.96
C ALA A 200 9.43 -6.60 0.77
N ASP A 201 9.31 -5.42 0.17
CA ASP A 201 10.28 -5.08 -0.78
C ASP A 201 10.81 -3.65 -0.78
N LYS A 202 12.00 -3.55 -1.43
CA LYS A 202 12.53 -2.29 -1.96
C LYS A 202 12.86 -2.36 -3.48
N THR A 203 12.23 -1.50 -4.26
CA THR A 203 12.40 -1.29 -5.61
C THR A 203 13.57 -0.27 -5.99
N GLY A 204 14.06 -0.48 -7.30
CA GLY A 204 15.04 0.47 -7.92
C GLY A 204 14.69 0.85 -9.34
N ALA A 205 15.31 1.91 -9.85
CA ALA A 205 15.27 2.21 -11.28
C ALA A 205 16.40 3.16 -11.67
N ALA A 206 16.79 3.11 -12.94
CA ALA A 206 17.63 4.15 -13.52
C ALA A 206 17.70 4.01 -15.04
N SER A 207 18.66 4.81 -15.68
CA SER A 207 18.71 4.90 -17.18
C SER A 207 19.19 3.48 -17.68
N TYR A 208 19.27 3.45 -19.06
CA TYR A 208 19.59 2.18 -19.64
C TYR A 208 18.64 1.14 -19.11
N GLY A 209 17.48 1.63 -18.65
CA GLY A 209 16.29 0.87 -18.46
C GLY A 209 16.43 -0.15 -17.36
N THR A 210 17.27 0.23 -16.39
CA THR A 210 17.33 -0.51 -15.11
C THR A 210 16.06 -0.41 -14.25
N ARG A 211 15.58 -1.59 -13.90
CA ARG A 211 14.42 -1.79 -13.07
C ARG A 211 14.51 -3.01 -12.11
N ASN A 212 14.47 -2.79 -10.79
CA ASN A 212 14.98 -3.77 -9.85
C ASN A 212 14.01 -3.91 -8.74
N ASP A 213 13.85 -5.12 -8.23
CA ASP A 213 13.13 -5.24 -7.05
C ASP A 213 13.70 -6.27 -6.08
N ILE A 214 13.86 -5.97 -4.80
CA ILE A 214 14.39 -7.08 -3.95
C ILE A 214 13.49 -7.32 -2.81
N ALA A 215 13.47 -8.55 -2.31
CA ALA A 215 12.36 -8.75 -1.49
C ALA A 215 12.37 -9.99 -0.77
N ILE A 216 11.56 -10.05 0.29
CA ILE A 216 11.26 -11.28 1.11
C ILE A 216 9.80 -11.50 0.95
N ILE A 217 9.45 -12.76 0.88
CA ILE A 217 8.14 -13.19 0.42
C ILE A 217 7.85 -14.28 1.47
N TRP A 218 6.61 -14.38 1.94
CA TRP A 218 6.29 -15.29 3.05
C TRP A 218 4.95 -15.97 2.82
N PRO A 219 5.11 -17.32 2.70
CA PRO A 219 3.92 -18.06 2.22
C PRO A 219 3.33 -18.93 3.32
N PRO A 220 1.97 -18.25 3.62
CA PRO A 220 1.32 -18.56 4.89
C PRO A 220 1.97 -19.75 5.59
N LYS A 221 2.55 -20.75 4.90
CA LYS A 221 3.02 -22.00 5.48
C LYS A 221 4.54 -22.06 5.69
N GLY A 222 4.96 -21.85 6.92
CA GLY A 222 6.43 -21.87 7.39
C GLY A 222 7.43 -21.01 6.53
N ASP A 223 8.62 -21.48 6.09
CA ASP A 223 9.72 -20.48 5.88
C ASP A 223 9.77 -19.55 4.61
N PRO A 224 10.21 -18.30 4.82
CA PRO A 224 10.24 -17.28 3.77
C PRO A 224 11.24 -17.60 2.67
N VAL A 225 11.03 -17.19 1.48
CA VAL A 225 12.06 -17.05 0.46
C VAL A 225 12.53 -15.60 0.33
N VAL A 226 13.73 -15.42 -0.19
CA VAL A 226 14.33 -14.09 -0.31
C VAL A 226 14.91 -13.99 -1.71
N LEU A 227 14.62 -12.88 -2.42
CA LEU A 227 14.56 -12.81 -3.82
C LEU A 227 14.98 -11.47 -4.40
N ALA A 228 15.90 -11.53 -5.37
CA ALA A 228 16.29 -10.28 -6.13
C ALA A 228 16.07 -10.43 -7.63
N VAL A 229 15.29 -9.52 -8.25
CA VAL A 229 15.13 -9.51 -9.70
C VAL A 229 15.77 -8.23 -10.22
N LEU A 230 16.68 -8.36 -11.18
CA LEU A 230 17.25 -7.10 -11.63
C LEU A 230 17.17 -7.04 -13.16
N SER A 231 17.07 -5.83 -13.72
CA SER A 231 17.13 -5.87 -15.13
C SER A 231 17.60 -4.57 -15.67
N SER A 232 18.21 -4.63 -16.84
CA SER A 232 18.42 -3.41 -17.61
C SER A 232 18.51 -3.64 -19.06
N ARG A 233 18.69 -2.53 -19.75
CA ARG A 233 18.74 -2.50 -21.23
C ARG A 233 19.98 -1.71 -21.82
N ASP A 234 19.72 -1.10 -22.98
CA ASP A 234 20.60 -1.31 -24.00
C ASP A 234 21.71 -0.33 -24.21
N LYS A 235 21.51 0.91 -23.75
CA LYS A 235 20.81 1.98 -24.41
C LYS A 235 20.19 2.92 -23.47
N LYS A 236 20.81 4.05 -23.26
CA LYS A 236 20.79 4.89 -22.00
C LYS A 236 19.50 5.69 -21.72
N ASP A 237 18.84 6.35 -22.68
CA ASP A 237 17.50 6.80 -22.39
C ASP A 237 16.48 5.58 -22.60
N ALA A 238 16.84 4.32 -22.44
CA ALA A 238 15.72 3.31 -22.51
C ALA A 238 14.64 3.40 -21.41
N LYS A 239 13.40 3.17 -21.67
CA LYS A 239 12.57 3.18 -20.51
C LYS A 239 12.25 1.79 -20.24
N TYR A 240 11.75 1.55 -19.05
CA TYR A 240 11.57 0.15 -18.46
C TYR A 240 10.11 -0.27 -18.35
N ASP A 241 9.88 -1.57 -18.38
CA ASP A 241 8.53 -2.16 -18.16
C ASP A 241 8.46 -3.18 -17.03
N ASP A 242 7.81 -2.65 -16.01
CA ASP A 242 7.41 -3.42 -14.84
C ASP A 242 6.88 -4.85 -14.95
N LYS A 243 6.41 -5.29 -16.08
CA LYS A 243 5.70 -6.51 -16.00
C LYS A 243 6.70 -7.53 -16.27
N LEU A 244 7.93 -7.07 -16.48
CA LEU A 244 9.06 -7.97 -16.63
C LEU A 244 9.51 -8.51 -15.28
N ILE A 245 9.61 -7.62 -14.29
CA ILE A 245 9.61 -8.04 -12.80
C ILE A 245 8.43 -9.03 -12.39
N ALA A 246 7.21 -8.76 -12.89
CA ALA A 246 6.17 -9.61 -12.45
C ALA A 246 6.28 -10.96 -13.02
N GLU A 247 6.56 -11.18 -14.32
CA GLU A 247 6.54 -12.57 -14.84
C GLU A 247 7.79 -13.29 -14.38
N ALA A 248 8.92 -12.59 -14.47
CA ALA A 248 10.19 -13.10 -13.92
C ALA A 248 9.97 -13.80 -12.52
N THR A 249 9.22 -13.08 -11.76
CA THR A 249 8.71 -13.50 -10.49
C THR A 249 7.76 -14.67 -10.57
N LYS A 250 6.71 -14.64 -11.44
CA LYS A 250 5.90 -15.85 -11.53
C LYS A 250 6.77 -17.12 -11.84
N VAL A 251 7.78 -16.98 -12.72
CA VAL A 251 8.68 -18.14 -12.94
C VAL A 251 9.52 -18.57 -11.74
N VAL A 252 10.17 -17.58 -11.11
CA VAL A 252 10.91 -17.87 -9.89
C VAL A 252 10.03 -18.79 -8.89
N MET A 253 8.79 -18.38 -8.71
CA MET A 253 7.89 -19.03 -7.76
C MET A 253 7.66 -20.49 -8.12
N LYS A 254 7.18 -20.73 -9.33
CA LYS A 254 6.88 -22.08 -9.79
C LYS A 254 8.13 -22.96 -9.77
N ALA A 255 9.04 -22.71 -10.70
CA ALA A 255 10.47 -22.79 -10.41
C ALA A 255 10.73 -23.28 -8.99
N LEU A 256 10.04 -22.68 -8.03
CA LEU A 256 10.30 -22.94 -6.62
C LEU A 256 9.28 -23.91 -6.03
N ASN A 257 8.00 -23.67 -6.34
CA ASN A 257 6.90 -24.42 -5.71
C ASN A 257 7.00 -26.01 -5.93
N LYS B 1 -23.39 18.60 -13.86
CA LYS B 1 -24.53 17.84 -13.40
C LYS B 1 -25.52 17.60 -14.49
N ASP B 2 -25.46 18.45 -15.48
CA ASP B 2 -25.98 18.23 -16.87
C ASP B 2 -24.92 17.07 -17.35
N ASP B 3 -23.77 17.09 -16.64
CA ASP B 3 -22.71 16.18 -16.85
C ASP B 3 -22.79 14.85 -16.22
N PHE B 4 -23.54 14.86 -15.10
CA PHE B 4 -23.71 13.75 -14.26
C PHE B 4 -24.92 13.13 -14.74
N ALA B 5 -25.77 13.94 -15.35
CA ALA B 5 -27.04 13.40 -15.81
C ALA B 5 -26.66 12.62 -17.15
N LYS B 6 -25.90 13.28 -17.99
CA LYS B 6 -25.30 12.57 -19.10
C LYS B 6 -24.54 11.35 -18.78
N LEU B 7 -24.00 11.21 -17.60
CA LEU B 7 -23.47 9.89 -17.21
C LEU B 7 -24.54 8.86 -16.67
N GLU B 8 -25.58 9.37 -15.96
CA GLU B 8 -26.83 8.59 -15.76
C GLU B 8 -27.32 8.13 -17.14
N GLU B 9 -27.36 9.03 -18.19
CA GLU B 9 -27.75 8.58 -19.56
C GLU B 9 -26.86 7.34 -19.98
N GLN B 10 -25.69 7.71 -20.54
CA GLN B 10 -24.57 6.79 -20.75
C GLN B 10 -24.57 5.43 -19.99
N PHE B 11 -24.91 5.33 -18.69
CA PHE B 11 -24.65 4.00 -18.06
C PHE B 11 -25.87 3.30 -17.61
N ASP B 12 -26.99 3.92 -17.91
CA ASP B 12 -28.24 3.41 -17.34
C ASP B 12 -28.26 3.16 -15.80
N ALA B 13 -27.53 4.06 -15.07
CA ALA B 13 -27.68 4.02 -13.62
C ALA B 13 -28.14 5.23 -12.87
N LYS B 14 -28.57 4.95 -11.61
CA LYS B 14 -28.58 5.91 -10.47
C LYS B 14 -27.10 6.23 -9.85
N LEU B 15 -26.66 7.50 -10.07
CA LEU B 15 -25.47 8.08 -9.44
C LEU B 15 -25.83 9.03 -8.25
N GLY B 16 -24.98 9.00 -7.24
CA GLY B 16 -25.11 9.68 -5.92
C GLY B 16 -23.68 10.19 -5.57
N ILE B 17 -23.45 11.50 -5.74
CA ILE B 17 -22.19 12.15 -5.51
C ILE B 17 -22.27 13.23 -4.43
N PHE B 18 -21.37 13.12 -3.41
CA PHE B 18 -21.05 14.21 -2.47
C PHE B 18 -19.53 14.51 -2.34
N ALA B 19 -19.01 15.67 -2.78
CA ALA B 19 -17.55 15.90 -2.54
C ALA B 19 -17.30 17.14 -1.84
N LEU B 20 -16.29 17.10 -0.95
CA LEU B 20 -15.93 18.21 -0.13
C LEU B 20 -14.45 18.56 -0.14
N ASP B 21 -14.13 19.77 -0.67
CA ASP B 21 -12.83 20.34 -0.69
C ASP B 21 -12.67 20.96 0.65
N THR B 22 -11.78 20.32 1.46
CA THR B 22 -11.59 20.70 2.89
C THR B 22 -10.73 21.95 3.02
N GLY B 23 -10.12 22.34 1.94
CA GLY B 23 -9.56 23.66 2.06
C GLY B 23 -10.48 24.78 1.63
N THR B 24 -11.80 24.61 1.53
CA THR B 24 -12.53 25.77 0.95
C THR B 24 -14.00 25.70 1.02
N ASN B 25 -14.38 24.82 1.91
CA ASN B 25 -15.66 24.20 1.96
C ASN B 25 -16.49 24.18 0.72
N ARG B 26 -15.86 24.26 -0.55
CA ARG B 26 -16.67 24.08 -1.90
C ARG B 26 -17.17 22.69 -1.89
N THR B 27 -18.48 22.55 -2.00
CA THR B 27 -19.10 21.24 -2.22
C THR B 27 -19.01 20.84 -3.68
N VAL B 28 -19.33 19.58 -3.97
CA VAL B 28 -20.21 19.23 -5.06
C VAL B 28 -21.25 18.19 -4.63
N ALA B 29 -22.22 17.74 -5.62
CA ALA B 29 -23.62 17.68 -5.21
C ALA B 29 -24.50 17.19 -6.35
N TYR B 30 -24.74 15.88 -6.41
CA TYR B 30 -25.74 15.34 -7.25
C TYR B 30 -26.34 14.12 -6.46
N ARG B 31 -27.66 14.02 -6.41
CA ARG B 31 -28.35 13.19 -5.38
C ARG B 31 -27.66 12.82 -4.04
N PRO B 32 -27.14 13.88 -3.31
CA PRO B 32 -26.24 13.61 -2.11
C PRO B 32 -26.96 13.04 -0.92
N ASP B 33 -28.27 13.15 -1.01
CA ASP B 33 -29.05 12.70 0.05
C ASP B 33 -29.94 11.39 -0.23
N GLU B 34 -29.67 10.62 -1.26
CA GLU B 34 -30.43 9.49 -1.53
C GLU B 34 -29.67 8.31 -1.07
N ARG B 35 -30.42 7.37 -0.59
CA ARG B 35 -29.85 6.06 -0.16
C ARG B 35 -29.42 5.07 -1.18
N PHE B 36 -28.29 4.49 -0.80
CA PHE B 36 -27.66 3.33 -1.48
C PHE B 36 -27.10 2.23 -0.61
N ALA B 37 -27.24 0.96 -1.02
CA ALA B 37 -26.60 -0.14 -0.17
C ALA B 37 -25.13 0.32 0.03
N PHE B 38 -24.58 0.69 1.25
CA PHE B 38 -23.11 1.14 1.31
C PHE B 38 -22.19 -0.05 0.94
N ALA B 39 -22.62 -1.32 1.03
CA ALA B 39 -21.77 -2.40 0.56
C ALA B 39 -20.50 -2.43 1.45
N SER B 40 -19.29 -2.64 0.93
CA SER B 40 -17.99 -2.66 1.77
C SER B 40 -17.35 -1.37 2.05
N THR B 41 -17.83 -0.30 1.52
CA THR B 41 -17.26 0.93 1.91
C THR B 41 -17.51 1.06 3.41
N ILE B 42 -18.49 0.36 3.94
CA ILE B 42 -18.64 0.43 5.41
C ILE B 42 -17.38 -0.02 6.18
N LYS B 43 -16.48 -0.90 5.65
CA LYS B 43 -15.34 -1.43 6.42
C LYS B 43 -14.36 -0.39 6.76
N ALA B 44 -14.32 0.68 6.01
CA ALA B 44 -13.53 1.84 6.54
C ALA B 44 -13.93 2.39 7.93
N LEU B 45 -15.24 2.46 8.11
CA LEU B 45 -15.82 3.10 9.28
C LEU B 45 -15.73 2.06 10.29
N THR B 46 -15.80 0.76 9.94
CA THR B 46 -15.60 -0.25 10.94
C THR B 46 -14.26 -0.29 11.63
N VAL B 47 -13.20 -0.12 10.88
CA VAL B 47 -11.84 0.25 11.49
C VAL B 47 -11.70 1.63 12.21
N GLY B 48 -12.50 2.59 11.87
CA GLY B 48 -12.42 3.74 12.63
C GLY B 48 -12.78 3.47 14.05
N VAL B 49 -13.83 2.69 14.11
CA VAL B 49 -14.41 2.30 15.35
C VAL B 49 -13.50 1.35 16.08
N LEU B 50 -13.06 0.27 15.43
CA LEU B 50 -12.10 -0.61 16.04
C LEU B 50 -11.00 0.19 16.57
N LEU B 51 -10.47 1.01 15.68
CA LEU B 51 -9.31 1.82 16.01
C LEU B 51 -9.51 2.58 17.28
N GLN B 52 -10.70 3.16 17.44
CA GLN B 52 -10.92 4.17 18.48
C GLN B 52 -11.13 3.51 19.84
N GLN B 53 -11.34 2.20 19.84
CA GLN B 53 -11.62 1.46 21.06
C GLN B 53 -10.67 0.27 21.22
N LYS B 54 -9.32 0.56 21.97
CA LYS B 54 -8.25 -0.36 21.63
C LYS B 54 -6.97 0.39 21.29
N SER B 55 -5.97 0.13 22.24
CA SER B 55 -4.71 0.78 22.04
C SER B 55 -4.02 0.18 20.86
N ILE B 56 -3.00 0.80 20.33
CA ILE B 56 -2.37 0.12 19.26
C ILE B 56 -1.69 -1.11 19.75
N GLU B 57 -1.23 -1.13 20.97
CA GLU B 57 -0.50 -2.37 21.42
C GLU B 57 -1.39 -3.60 21.32
N ASP B 58 -2.59 -3.39 21.85
CA ASP B 58 -3.86 -4.17 21.86
C ASP B 58 -4.35 -4.85 20.60
N LEU B 59 -4.25 -4.12 19.50
CA LEU B 59 -4.32 -4.68 18.16
C LEU B 59 -3.40 -5.83 17.83
N ASN B 60 -2.70 -6.38 18.80
CA ASN B 60 -1.69 -7.34 18.50
C ASN B 60 -2.10 -8.73 18.83
N GLN B 61 -3.26 -8.74 19.41
CA GLN B 61 -3.96 -9.86 19.91
C GLN B 61 -4.33 -10.82 18.83
N ARG B 62 -3.98 -12.10 19.05
CA ARG B 62 -4.31 -13.17 18.05
C ARG B 62 -5.78 -13.63 18.03
N ILE B 63 -6.49 -13.36 16.93
CA ILE B 63 -7.81 -14.01 16.76
C ILE B 63 -7.62 -15.43 16.23
N THR B 64 -8.04 -16.46 16.92
CA THR B 64 -8.17 -17.66 16.09
C THR B 64 -9.61 -17.66 15.59
N TYR B 65 -9.79 -18.24 14.39
CA TYR B 65 -11.17 -18.40 13.82
C TYR B 65 -11.20 -19.79 13.27
N THR B 66 -12.37 -20.13 12.71
CA THR B 66 -12.51 -21.42 11.99
C THR B 66 -13.00 -21.38 10.53
N ARG B 67 -13.34 -22.55 9.99
CA ARG B 67 -13.60 -22.68 8.56
C ARG B 67 -14.84 -21.90 8.14
N ASP B 68 -15.99 -22.31 8.66
CA ASP B 68 -16.36 -22.03 10.05
C ASP B 68 -16.32 -20.53 10.33
N ASP B 69 -16.56 -19.73 9.29
CA ASP B 69 -16.43 -18.28 9.41
C ASP B 69 -16.15 -17.65 8.05
N LEU B 70 -15.27 -18.27 7.28
CA LEU B 70 -15.14 -17.97 5.85
C LEU B 70 -16.56 -17.74 5.17
N VAL B 71 -16.62 -16.75 4.23
CA VAL B 71 -17.84 -16.58 3.41
C VAL B 71 -17.60 -16.57 1.89
N ASN B 72 -18.06 -15.54 1.17
CA ASN B 72 -17.97 -15.60 -0.31
C ASN B 72 -16.59 -15.22 -0.78
N TYR B 73 -15.90 -14.51 0.11
CA TYR B 73 -14.65 -13.81 -0.24
C TYR B 73 -13.64 -13.59 0.85
N ASN B 74 -12.63 -14.40 0.82
CA ASN B 74 -11.76 -14.55 1.95
C ASN B 74 -10.32 -14.71 1.39
N PRO B 75 -9.82 -13.63 0.75
CA PRO B 75 -8.61 -13.80 0.02
C PRO B 75 -7.41 -13.98 0.88
N ILE B 76 -7.45 -13.49 2.11
CA ILE B 76 -6.28 -13.62 3.05
C ILE B 76 -6.56 -14.58 4.19
N THR B 77 -7.75 -14.33 4.66
CA THR B 77 -8.38 -15.08 5.71
C THR B 77 -8.28 -16.57 5.43
N GLU B 78 -8.47 -16.95 4.12
CA GLU B 78 -8.55 -18.36 3.83
C GLU B 78 -7.17 -18.85 3.93
N LYS B 79 -6.21 -18.02 4.19
CA LYS B 79 -4.91 -18.57 4.11
C LYS B 79 -4.35 -18.74 5.43
N HIS B 80 -5.04 -18.30 6.46
CA HIS B 80 -4.37 -18.47 7.85
C HIS B 80 -5.30 -19.00 8.96
N VAL B 81 -5.96 -20.14 8.67
CA VAL B 81 -6.88 -20.52 9.70
C VAL B 81 -6.23 -21.19 10.75
N ASP B 82 -5.06 -21.75 10.50
CA ASP B 82 -4.44 -22.50 11.60
C ASP B 82 -3.57 -21.64 12.60
N THR B 83 -2.72 -20.77 12.02
CA THR B 83 -2.17 -19.65 12.78
C THR B 83 -3.16 -18.52 13.27
N GLY B 84 -4.34 -18.34 12.65
CA GLY B 84 -5.22 -17.18 13.04
C GLY B 84 -4.60 -15.83 12.67
N MET B 85 -5.14 -14.71 13.09
CA MET B 85 -4.48 -13.43 12.67
C MET B 85 -4.55 -12.32 13.69
N THR B 86 -3.59 -11.43 13.77
CA THR B 86 -3.76 -10.51 14.81
C THR B 86 -4.82 -9.54 14.26
N LEU B 87 -5.39 -8.64 15.11
CA LEU B 87 -6.47 -7.78 14.67
C LEU B 87 -5.89 -6.82 13.77
N LYS B 88 -4.57 -6.57 13.83
CA LYS B 88 -3.96 -5.54 12.88
C LYS B 88 -3.98 -6.07 11.43
N GLU B 89 -3.83 -7.37 11.37
CA GLU B 89 -3.58 -8.04 10.15
C GLU B 89 -4.91 -8.25 9.45
N LEU B 90 -6.03 -8.24 10.26
CA LEU B 90 -7.39 -8.40 9.81
C LEU B 90 -7.91 -7.13 9.36
N ALA B 91 -7.28 -6.03 9.82
CA ALA B 91 -7.65 -4.64 9.51
C ALA B 91 -7.09 -4.39 8.17
N ASP B 92 -5.84 -4.78 8.03
CA ASP B 92 -5.19 -4.88 6.70
C ASP B 92 -6.01 -5.64 5.61
N ALA B 93 -6.27 -6.91 5.81
CA ALA B 93 -7.04 -7.70 4.90
C ALA B 93 -8.33 -7.14 4.54
N SER B 94 -9.08 -6.64 5.51
CA SER B 94 -10.39 -6.04 5.30
C SER B 94 -10.32 -4.75 4.56
N LEU B 95 -9.36 -3.88 4.84
CA LEU B 95 -9.31 -2.61 4.17
C LEU B 95 -8.70 -2.76 2.83
N ARG B 96 -7.75 -3.65 2.70
CA ARG B 96 -6.91 -3.53 1.52
C ARG B 96 -7.29 -4.54 0.51
N TYR B 97 -8.00 -5.58 0.98
CA TYR B 97 -8.45 -6.72 0.19
C TYR B 97 -9.98 -6.87 0.10
N SER B 98 -10.71 -6.26 1.01
CA SER B 98 -12.13 -6.39 1.09
C SER B 98 -12.53 -7.85 1.49
N ASP B 99 -11.73 -8.32 2.42
CA ASP B 99 -11.86 -9.64 2.91
C ASP B 99 -13.17 -9.76 3.73
N ASN B 100 -14.21 -10.37 3.20
CA ASN B 100 -15.37 -10.40 3.95
C ASN B 100 -15.22 -11.02 5.28
N ALA B 101 -14.48 -12.10 5.35
CA ALA B 101 -14.35 -12.77 6.69
C ALA B 101 -13.74 -11.86 7.70
N ALA B 102 -12.56 -11.28 7.39
CA ALA B 102 -11.98 -10.13 8.09
C ALA B 102 -12.98 -9.00 8.66
N GLN B 103 -13.78 -8.37 7.83
CA GLN B 103 -14.72 -7.46 8.42
C GLN B 103 -15.67 -8.19 9.46
N ASN B 104 -16.14 -9.38 9.10
CA ASN B 104 -16.97 -10.09 10.01
C ASN B 104 -16.50 -10.37 11.46
N LEU B 105 -15.22 -10.64 11.52
CA LEU B 105 -14.48 -10.87 12.76
C LEU B 105 -14.21 -9.55 13.49
N ILE B 106 -14.08 -8.49 12.70
CA ILE B 106 -13.79 -7.27 13.30
C ILE B 106 -15.11 -6.81 13.92
N LEU B 107 -16.21 -6.75 13.21
CA LEU B 107 -17.48 -6.68 13.89
C LEU B 107 -17.71 -7.40 15.21
N LYS B 108 -17.46 -8.71 15.23
CA LYS B 108 -17.45 -9.39 16.49
C LYS B 108 -16.64 -8.75 17.62
N GLN B 109 -15.42 -8.25 17.35
CA GLN B 109 -14.57 -7.67 18.40
C GLN B 109 -15.04 -6.35 18.80
N ILE B 110 -15.99 -5.82 18.06
CA ILE B 110 -16.55 -4.57 18.46
C ILE B 110 -17.96 -4.71 18.82
N GLY B 111 -18.34 -5.89 19.23
CA GLY B 111 -19.66 -5.99 19.75
C GLY B 111 -20.73 -6.31 18.76
N GLY B 112 -20.49 -6.12 17.43
CA GLY B 112 -21.39 -6.61 16.32
C GLY B 112 -22.07 -5.32 15.71
N PRO B 113 -23.12 -5.45 14.85
CA PRO B 113 -23.68 -4.22 14.11
C PRO B 113 -24.54 -3.22 14.96
N GLU B 114 -25.07 -3.62 16.08
CA GLU B 114 -25.78 -2.59 16.77
C GLU B 114 -24.81 -1.98 17.71
N SER B 115 -23.67 -2.62 17.85
CA SER B 115 -22.55 -1.95 18.42
C SER B 115 -21.95 -0.88 17.47
N LEU B 116 -22.03 -1.15 16.17
CA LEU B 116 -21.40 -0.21 15.23
C LEU B 116 -22.40 0.91 14.88
N LYS B 117 -23.65 0.55 14.78
CA LYS B 117 -24.65 1.60 14.72
C LYS B 117 -24.45 2.58 15.86
N LYS B 118 -24.23 2.07 17.02
CA LYS B 118 -24.37 2.92 18.15
C LYS B 118 -23.20 3.85 18.23
N GLU B 119 -22.19 3.66 17.39
CA GLU B 119 -20.93 4.34 17.56
C GLU B 119 -20.77 5.22 16.44
N LEU B 120 -21.64 5.09 15.48
CA LEU B 120 -21.66 5.91 14.36
C LEU B 120 -22.54 7.04 14.77
N ARG B 121 -23.66 6.70 15.40
CA ARG B 121 -24.56 7.72 15.90
C ARG B 121 -23.84 8.56 16.92
N LYS B 122 -22.88 7.99 17.61
CA LYS B 122 -22.16 8.70 18.64
C LYS B 122 -21.29 9.72 18.02
N ILE B 123 -20.96 9.57 16.76
CA ILE B 123 -19.90 10.51 16.21
C ILE B 123 -20.46 11.48 15.19
N GLY B 124 -21.81 11.46 15.16
CA GLY B 124 -22.70 12.46 14.59
C GLY B 124 -23.46 11.98 13.39
N ASP B 125 -23.49 10.64 13.15
CA ASP B 125 -24.06 10.02 11.89
C ASP B 125 -25.45 9.26 12.16
N GLU B 126 -26.54 10.01 11.98
CA GLU B 126 -27.87 9.48 12.20
C GLU B 126 -28.51 9.05 10.88
N VAL B 127 -27.67 8.95 9.86
CA VAL B 127 -28.06 8.41 8.58
C VAL B 127 -27.66 6.95 8.56
N THR B 128 -26.36 6.69 8.69
CA THR B 128 -25.84 5.33 8.21
C THR B 128 -26.47 4.12 8.92
N ASN B 129 -26.88 3.06 8.29
CA ASN B 129 -27.62 2.06 9.07
C ASN B 129 -27.09 0.65 9.07
N PRO B 130 -26.17 0.33 9.92
CA PRO B 130 -25.83 -1.07 9.74
C PRO B 130 -26.81 -2.09 10.39
N GLU B 131 -27.31 -3.15 9.74
CA GLU B 131 -27.91 -4.27 10.64
C GLU B 131 -27.37 -5.74 10.75
N ARG B 132 -26.49 -6.11 9.80
CA ARG B 132 -26.44 -7.50 9.29
C ARG B 132 -24.97 -8.12 9.18
N PHE B 133 -24.85 -9.41 8.83
CA PHE B 133 -23.44 -9.95 8.68
C PHE B 133 -22.91 -9.90 7.22
N VAL B 140 -29.89 -5.69 -0.96
CA VAL B 140 -30.74 -4.67 -0.38
C VAL B 140 -31.79 -4.36 -1.38
N ASN B 141 -33.07 -4.61 -1.09
CA ASN B 141 -34.02 -4.28 -2.20
C ASN B 141 -34.28 -2.84 -2.15
N PRO B 142 -34.77 -2.31 -3.23
CA PRO B 142 -35.02 -0.89 -3.28
C PRO B 142 -36.17 -0.36 -2.46
N GLY B 143 -35.88 0.72 -1.81
CA GLY B 143 -36.82 1.29 -0.85
C GLY B 143 -36.32 0.87 0.54
N GLU B 144 -35.80 -0.37 0.78
CA GLU B 144 -35.56 -0.79 2.26
C GLU B 144 -34.49 0.21 2.96
N THR B 145 -34.49 0.49 4.27
CA THR B 145 -33.38 1.44 4.68
C THR B 145 -32.25 0.68 5.41
N GLN B 146 -32.32 -0.66 5.43
CA GLN B 146 -31.26 -1.27 6.17
C GLN B 146 -30.06 -1.61 5.25
N ASP B 147 -28.88 -1.69 5.86
CA ASP B 147 -27.58 -1.35 5.35
C ASP B 147 -27.41 -0.27 4.26
N THR B 148 -28.03 0.91 4.38
CA THR B 148 -27.79 2.05 3.42
C THR B 148 -27.06 3.29 3.98
N SER B 149 -26.57 4.17 3.12
CA SER B 149 -26.13 5.46 3.57
C SER B 149 -26.18 6.47 2.51
N THR B 150 -26.03 7.74 2.83
CA THR B 150 -26.14 8.69 1.69
C THR B 150 -24.77 9.05 1.31
N ALA B 151 -24.56 9.27 0.03
CA ALA B 151 -23.28 9.81 -0.24
C ALA B 151 -22.84 11.09 0.58
N ARG B 152 -23.70 11.77 1.31
CA ARG B 152 -23.19 12.80 2.20
C ARG B 152 -22.62 12.24 3.47
N ALA B 153 -23.24 11.19 3.98
CA ALA B 153 -23.18 10.75 5.37
C ALA B 153 -21.88 10.02 5.50
N LEU B 154 -21.55 9.29 4.38
CA LEU B 154 -20.26 8.65 4.11
C LEU B 154 -19.10 9.65 4.02
N VAL B 155 -19.12 10.70 3.15
CA VAL B 155 -17.92 11.60 3.27
C VAL B 155 -17.74 12.01 4.75
N THR B 156 -18.85 12.35 5.33
CA THR B 156 -18.82 13.09 6.58
C THR B 156 -18.19 12.29 7.62
N SER B 157 -18.49 10.96 7.58
CA SER B 157 -17.93 10.03 8.56
C SER B 157 -16.52 9.69 8.45
N LEU B 158 -16.12 9.25 7.29
CA LEU B 158 -14.75 9.32 6.90
C LEU B 158 -13.97 10.67 7.15
N ARG B 159 -14.42 11.83 6.73
CA ARG B 159 -13.56 12.91 7.09
C ARG B 159 -13.24 12.83 8.61
N ALA B 160 -14.18 12.30 9.39
CA ALA B 160 -14.20 12.75 10.79
C ALA B 160 -13.21 11.76 11.45
N PHE B 161 -13.35 10.45 11.14
CA PHE B 161 -12.30 9.46 11.49
C PHE B 161 -10.98 9.87 10.88
N ALA B 162 -10.89 10.11 9.59
CA ALA B 162 -9.57 10.13 9.01
C ALA B 162 -8.75 11.43 9.20
N LEU B 163 -9.35 12.61 9.32
CA LEU B 163 -8.79 13.96 9.17
C LEU B 163 -9.24 14.82 10.36
N GLU B 164 -10.36 14.45 10.96
CA GLU B 164 -10.79 15.21 12.11
C GLU B 164 -10.25 14.62 13.50
N ASP B 165 -10.90 14.98 14.61
CA ASP B 165 -10.40 14.49 15.79
C ASP B 165 -11.34 13.48 16.47
N LYS B 166 -11.56 12.33 15.87
CA LYS B 166 -12.41 11.30 16.39
C LYS B 166 -11.52 10.15 16.66
N LEU B 167 -10.22 10.40 16.58
CA LEU B 167 -9.18 9.39 16.74
C LEU B 167 -7.81 10.05 16.54
N PRO B 168 -6.88 9.76 17.45
CA PRO B 168 -5.73 10.57 17.66
C PRO B 168 -4.72 10.26 16.58
N SER B 169 -3.53 10.89 16.58
CA SER B 169 -2.91 11.05 15.24
C SER B 169 -2.22 9.80 14.84
N GLU B 170 -1.77 9.09 15.81
CA GLU B 170 -0.99 7.94 15.56
C GLU B 170 -1.86 6.87 15.02
N LYS B 171 -3.16 6.97 15.23
CA LYS B 171 -4.16 6.02 14.73
C LYS B 171 -4.80 6.41 13.39
N ARG B 172 -4.76 7.70 13.04
CA ARG B 172 -5.26 8.16 11.77
C ARG B 172 -4.20 7.65 10.78
N GLU B 173 -2.95 7.74 11.17
CA GLU B 173 -1.85 7.29 10.38
C GLU B 173 -2.01 5.90 9.94
N LEU B 174 -2.60 5.02 10.75
CA LEU B 174 -2.78 3.60 10.36
C LEU B 174 -3.91 3.33 9.42
N LEU B 175 -5.04 3.94 9.69
CA LEU B 175 -6.14 3.91 8.73
C LEU B 175 -5.76 4.56 7.43
N ILE B 176 -5.32 5.76 7.44
CA ILE B 176 -5.07 6.31 6.24
C ILE B 176 -4.07 5.48 5.48
N ASP B 177 -2.94 5.12 6.06
CA ASP B 177 -2.02 4.24 5.29
C ASP B 177 -2.63 2.90 4.82
N TRP B 178 -3.42 2.17 5.59
CA TRP B 178 -4.07 1.05 4.99
C TRP B 178 -4.87 1.39 3.71
N MET B 179 -5.62 2.52 3.64
CA MET B 179 -6.40 2.90 2.43
C MET B 179 -5.61 3.49 1.35
N LYS B 180 -4.43 4.05 1.67
CA LYS B 180 -3.56 4.63 0.65
C LYS B 180 -3.02 3.50 -0.13
N ARG B 181 -2.87 2.36 0.53
CA ARG B 181 -2.32 1.15 -0.09
C ARG B 181 -3.45 0.18 -0.45
N ASN B 182 -4.71 0.66 -0.55
CA ASN B 182 -5.85 -0.30 -0.99
C ASN B 182 -5.50 -1.01 -2.28
N THR B 183 -5.73 -2.32 -2.44
CA THR B 183 -5.49 -3.03 -3.77
C THR B 183 -6.66 -2.98 -4.80
N THR B 184 -7.81 -2.43 -4.41
CA THR B 184 -9.03 -2.76 -5.10
C THR B 184 -9.65 -1.70 -5.88
N GLY B 185 -9.00 -0.56 -5.99
CA GLY B 185 -9.71 0.58 -6.51
C GLY B 185 -9.03 1.29 -7.62
N ASP B 186 -8.34 0.48 -8.38
CA ASP B 186 -7.46 1.05 -9.37
C ASP B 186 -8.22 1.73 -10.51
N ALA B 187 -9.35 1.14 -10.86
CA ALA B 187 -10.07 1.45 -12.00
C ALA B 187 -11.20 2.43 -11.68
N LEU B 188 -11.23 3.00 -10.41
CA LEU B 188 -12.37 3.83 -9.91
C LEU B 188 -11.93 5.33 -9.64
N ILE B 189 -12.19 5.89 -8.47
CA ILE B 189 -11.53 7.16 -8.08
C ILE B 189 -10.07 7.25 -8.47
N ARG B 190 -9.21 6.27 -8.12
CA ARG B 190 -7.73 6.35 -8.53
C ARG B 190 -7.62 6.70 -9.98
N ALA B 191 -8.50 6.08 -10.78
CA ALA B 191 -8.60 6.28 -12.20
C ALA B 191 -9.21 7.65 -12.63
N GLY B 192 -9.76 8.47 -11.75
CA GLY B 192 -10.30 9.73 -12.29
C GLY B 192 -9.43 10.87 -11.81
N VAL B 193 -8.34 10.46 -11.15
CA VAL B 193 -7.53 11.41 -10.48
C VAL B 193 -6.21 11.71 -11.23
N PRO B 194 -5.81 12.97 -11.27
CA PRO B 194 -4.49 13.35 -11.89
C PRO B 194 -3.39 12.48 -11.36
N ASP B 195 -2.36 12.31 -12.18
CA ASP B 195 -1.14 11.56 -11.74
C ASP B 195 -0.26 12.14 -10.58
N GLY B 196 0.46 11.27 -9.89
CA GLY B 196 1.16 11.68 -8.69
C GLY B 196 0.25 12.18 -7.57
N TRP B 197 -1.10 12.10 -7.74
CA TRP B 197 -1.97 12.58 -6.57
C TRP B 197 -2.36 11.44 -5.65
N GLU B 198 -1.91 11.52 -4.37
CA GLU B 198 -2.24 10.51 -3.41
C GLU B 198 -3.74 10.35 -3.19
N VAL B 199 -4.22 9.11 -3.13
CA VAL B 199 -5.59 8.83 -2.81
C VAL B 199 -5.55 7.78 -1.75
N ALA B 200 -6.34 7.86 -0.67
CA ALA B 200 -6.74 6.66 0.15
C ALA B 200 -8.14 6.34 -0.21
N ASP B 201 -8.55 5.04 -0.24
CA ASP B 201 -9.82 4.71 -0.79
C ASP B 201 -10.47 3.49 -0.19
N LYS B 202 -11.77 3.41 -0.15
CA LYS B 202 -12.45 2.13 0.09
C LYS B 202 -13.62 1.85 -0.85
N THR B 203 -13.70 0.66 -1.47
CA THR B 203 -14.55 0.33 -2.57
C THR B 203 -15.67 -0.69 -2.10
N GLY B 204 -16.78 -0.81 -2.83
CA GLY B 204 -17.66 -1.94 -2.64
C GLY B 204 -18.63 -2.15 -3.79
N ALA B 205 -19.36 -3.26 -3.69
CA ALA B 205 -20.19 -3.73 -4.79
C ALA B 205 -21.21 -4.76 -4.32
N ALA B 206 -22.33 -4.84 -5.02
CA ALA B 206 -23.54 -5.45 -4.47
C ALA B 206 -24.71 -5.32 -5.44
N SER B 207 -25.57 -6.25 -5.11
CA SER B 207 -26.42 -6.64 -6.20
C SER B 207 -27.27 -5.42 -6.43
N TYR B 208 -28.04 -5.41 -7.42
CA TYR B 208 -28.62 -4.21 -8.05
C TYR B 208 -27.59 -3.37 -8.80
N GLY B 209 -26.62 -4.08 -9.43
CA GLY B 209 -25.44 -3.38 -9.96
C GLY B 209 -24.90 -2.16 -9.12
N THR B 210 -24.77 -2.36 -7.79
CA THR B 210 -24.26 -1.35 -6.95
C THR B 210 -22.73 -1.46 -6.94
N ARG B 211 -22.04 -0.33 -7.24
CA ARG B 211 -20.57 -0.12 -7.29
C ARG B 211 -20.33 1.22 -6.62
N ASN B 212 -19.57 1.26 -5.53
CA ASN B 212 -19.27 2.48 -4.86
C ASN B 212 -17.78 2.54 -4.60
N ASP B 213 -17.37 3.74 -4.17
CA ASP B 213 -16.05 4.08 -3.74
C ASP B 213 -16.05 5.37 -2.98
N ILE B 214 -15.37 5.37 -1.81
CA ILE B 214 -15.19 6.56 -0.91
C ILE B 214 -13.76 6.84 -0.71
N ALA B 215 -13.36 8.11 -0.74
CA ALA B 215 -11.91 8.42 -0.74
C ALA B 215 -11.45 9.77 -0.30
N ILE B 216 -10.12 9.98 -0.13
CA ILE B 216 -9.55 11.36 0.21
C ILE B 216 -8.45 11.66 -0.78
N ILE B 217 -8.34 12.83 -1.41
CA ILE B 217 -7.49 12.89 -2.60
C ILE B 217 -6.49 13.96 -2.19
N TRP B 218 -5.19 13.71 -2.03
CA TRP B 218 -4.42 14.86 -1.68
C TRP B 218 -3.77 15.40 -2.86
N PRO B 219 -4.02 16.74 -3.15
CA PRO B 219 -3.19 17.47 -4.15
C PRO B 219 -1.74 17.44 -3.67
N PRO B 220 -0.68 17.72 -4.52
CA PRO B 220 0.73 17.91 -4.24
C PRO B 220 0.89 18.73 -3.05
N LYS B 221 0.26 19.90 -3.03
CA LYS B 221 0.29 20.85 -1.91
C LYS B 221 -1.02 21.55 -1.86
N GLY B 222 -1.67 21.70 -0.72
CA GLY B 222 -3.19 21.46 -0.76
C GLY B 222 -3.87 20.69 0.39
N ASP B 223 -4.92 21.30 0.91
CA ASP B 223 -5.76 20.53 1.80
C ASP B 223 -6.56 19.55 0.93
N PRO B 224 -6.93 18.37 1.51
CA PRO B 224 -7.40 17.23 0.78
C PRO B 224 -8.86 17.33 0.56
N VAL B 225 -9.34 16.52 -0.36
CA VAL B 225 -10.71 16.52 -0.80
C VAL B 225 -11.36 15.21 -0.41
N VAL B 226 -12.66 15.16 -0.04
CA VAL B 226 -13.21 13.91 0.38
C VAL B 226 -14.51 13.73 -0.32
N LEU B 227 -14.57 12.56 -0.97
CA LEU B 227 -15.37 12.34 -2.18
C LEU B 227 -15.97 10.93 -2.21
N ALA B 228 -17.29 10.88 -2.14
CA ALA B 228 -18.14 9.64 -2.19
C ALA B 228 -18.87 9.52 -3.51
N VAL B 229 -18.70 8.37 -4.18
CA VAL B 229 -19.31 8.13 -5.46
C VAL B 229 -19.92 6.76 -5.38
N LEU B 230 -21.22 6.79 -5.68
CA LEU B 230 -22.14 5.80 -5.31
C LEU B 230 -23.13 5.60 -6.47
N SER B 231 -23.62 4.37 -6.59
CA SER B 231 -24.09 3.94 -7.84
C SER B 231 -24.90 2.66 -7.75
N SER B 232 -25.95 2.52 -8.55
CA SER B 232 -26.87 1.44 -8.42
C SER B 232 -27.82 1.40 -9.65
N ARG B 233 -28.39 0.24 -9.91
CA ARG B 233 -29.25 0.11 -11.08
C ARG B 233 -30.55 -0.76 -10.80
N ASP B 234 -31.22 -1.21 -11.88
CA ASP B 234 -32.59 -1.56 -11.91
C ASP B 234 -33.42 -2.68 -11.23
N LYS B 235 -33.66 -3.86 -11.76
CA LYS B 235 -32.66 -4.81 -12.27
C LYS B 235 -31.75 -5.48 -11.13
N LYS B 236 -31.86 -6.75 -10.84
CA LYS B 236 -31.13 -7.22 -9.70
C LYS B 236 -29.94 -8.00 -10.00
N ASP B 237 -29.98 -8.79 -11.03
CA ASP B 237 -28.69 -9.37 -11.55
C ASP B 237 -27.95 -8.28 -12.43
N ALA B 238 -28.34 -6.98 -12.43
CA ALA B 238 -27.61 -6.09 -13.38
C ALA B 238 -26.19 -6.07 -12.96
N LYS B 239 -25.25 -5.96 -13.88
CA LYS B 239 -23.84 -5.84 -13.55
C LYS B 239 -23.37 -4.42 -13.72
N TYR B 240 -22.33 -4.02 -13.03
CA TYR B 240 -21.91 -2.65 -13.08
C TYR B 240 -20.69 -2.41 -13.99
N ASP B 241 -20.34 -1.08 -14.17
CA ASP B 241 -19.16 -0.66 -14.81
C ASP B 241 -18.34 0.25 -14.01
N ASP B 242 -17.21 -0.23 -13.51
CA ASP B 242 -16.23 0.69 -12.90
C ASP B 242 -15.99 2.02 -13.62
N LYS B 243 -16.03 1.96 -14.94
CA LYS B 243 -15.70 3.09 -15.72
C LYS B 243 -16.69 4.16 -15.43
N LEU B 244 -17.81 3.75 -14.83
CA LEU B 244 -18.74 4.79 -14.37
C LEU B 244 -18.16 5.68 -13.31
N ILE B 245 -17.50 5.04 -12.32
CA ILE B 245 -17.00 5.75 -11.11
C ILE B 245 -15.78 6.73 -11.38
N ALA B 246 -14.90 6.22 -12.22
CA ALA B 246 -13.81 7.05 -12.71
C ALA B 246 -14.34 8.25 -13.43
N GLU B 247 -15.31 8.09 -14.29
CA GLU B 247 -15.87 9.26 -14.91
C GLU B 247 -16.61 10.23 -14.02
N ALA B 248 -17.56 9.80 -13.25
CA ALA B 248 -18.04 10.68 -12.23
C ALA B 248 -16.94 11.52 -11.61
N THR B 249 -15.86 10.84 -11.23
CA THR B 249 -14.60 11.48 -10.67
C THR B 249 -13.98 12.59 -11.58
N LYS B 250 -13.64 12.22 -12.80
CA LYS B 250 -13.30 13.18 -13.73
C LYS B 250 -14.21 14.53 -13.53
N VAL B 251 -15.54 14.39 -13.60
CA VAL B 251 -16.47 15.54 -13.38
C VAL B 251 -16.31 16.24 -12.05
N VAL B 252 -16.21 15.43 -11.04
CA VAL B 252 -16.12 16.07 -9.77
C VAL B 252 -14.85 16.96 -9.74
N MET B 253 -13.70 16.39 -10.11
CA MET B 253 -12.44 17.09 -10.13
C MET B 253 -12.52 18.35 -11.01
N LYS B 254 -13.24 18.24 -12.13
CA LYS B 254 -13.38 19.38 -13.10
C LYS B 254 -14.23 20.56 -12.58
N ALA B 255 -14.94 20.37 -11.50
CA ALA B 255 -15.72 21.41 -10.87
C ALA B 255 -14.99 22.03 -9.67
N LEU B 256 -14.76 21.28 -8.63
CA LEU B 256 -13.89 21.76 -7.61
C LEU B 256 -12.78 22.50 -8.27
N ASN B 257 -12.09 21.85 -9.15
CA ASN B 257 -10.75 22.24 -9.42
C ASN B 257 -10.89 23.41 -10.32
#